data_5LXA
#
_entry.id   5LXA
#
_cell.length_a   74.164
_cell.length_b   100.858
_cell.length_c   110.389
_cell.angle_alpha   90.00
_cell.angle_beta   90.00
_cell.angle_gamma   90.00
#
_symmetry.space_group_name_H-M   'P 21 2 21'
#
loop_
_entity.id
_entity.type
_entity.pdbx_description
1 polymer 'Adiponectin receptor protein 2'
2 polymer 'Anti-CD30 moab Ki-4 scFv'
3 non-polymer 'ZINC ION'
4 non-polymer 'OLEIC ACID'
5 non-polymer '(2S)-2,3-dihydroxypropyl (9Z)-octadec-9-enoate'
6 water water
#
loop_
_entity_poly.entity_id
_entity_poly.type
_entity_poly.pdbx_seq_one_letter_code
_entity_poly.pdbx_strand_id
1 'polypeptide(L)'
;MDYKDDDDKENLYFQGGSEFEGRWRVIPHDVLPDWLKDNDFLLHGHRPPMPSFRACFKSIFRIHTETGNIWTHLLGCVFF
LCLGIFYMFRPNISFVAPLQEKVVFGLFFLGAILCLSFSWLFHTVYCHSEGVSRLFSKLDYSGIALLIMGSFVPWLYYSF
YCNPQPCFIYLIVICVLGIAAIIVSQWDMFATPQYRGVRAGVFLGLGLSGIIPTLHYVISEGFLKAATIGQIGWLMLMAS
LYITGAALYAARIPERFFPGKCDIWFHSHQLFHIFVVAGAFVHFHGVSNLQEFRFMIGGGCSEEDAL
;
A
2 'polypeptide(L)'
;MGEVLLQQSGPELVKPGASVRITCKASGYTFTDFNMDWVKQSPGKSLEWIGDFNPNSGGSIYNQKFKDKATFTVDKSSST
AYMELRSLTFEDTAVYYCARETGTAWFAYWGQGTLVTVSAAGGGGSGGGGSGGGGSGGGGSDIQMTQSPASLSASVGETV
TITCRASGNIHNFLAWYQQKQGKSPQVLVYNAKTLADGVPSRFSGSGSGTQYSLKINSLQPEDFGSYYCQQFWSTPYTFG
GGTKLEINAAADDDDKAGWSHPQFEKGGGSGGGSGGGSWSHPQFEK
;
H
#
# COMPACT_ATOMS: atom_id res chain seq x y z
N GLU A 19 9.10 -15.86 -3.08
CA GLU A 19 8.48 -16.50 -4.24
C GLU A 19 8.47 -15.58 -5.48
N PHE A 20 8.28 -16.18 -6.68
CA PHE A 20 8.27 -15.48 -7.98
C PHE A 20 6.89 -14.93 -8.37
N GLU A 21 5.97 -14.92 -7.42
CA GLU A 21 4.63 -14.39 -7.58
C GLU A 21 4.52 -13.12 -6.74
N GLY A 22 3.92 -12.09 -7.30
CA GLY A 22 3.74 -10.80 -6.65
C GLY A 22 5.04 -10.25 -6.13
N ARG A 23 6.03 -10.15 -7.02
CA ARG A 23 7.35 -9.63 -6.73
C ARG A 23 7.29 -8.11 -6.83
N TRP A 24 7.71 -7.44 -5.75
CA TRP A 24 7.72 -5.98 -5.71
C TRP A 24 9.01 -5.40 -5.15
N ARG A 25 9.15 -4.08 -5.29
CA ARG A 25 10.30 -3.34 -4.79
C ARG A 25 9.87 -2.06 -4.11
N VAL A 26 10.63 -1.66 -3.09
CA VAL A 26 10.37 -0.42 -2.34
C VAL A 26 10.55 0.76 -3.30
N ILE A 27 9.65 1.73 -3.25
CA ILE A 27 9.76 2.84 -4.19
C ILE A 27 9.88 4.21 -3.52
N PRO A 28 10.63 5.14 -4.15
CA PRO A 28 10.75 6.50 -3.60
C PRO A 28 9.41 7.21 -3.49
N HIS A 29 9.32 8.24 -2.62
CA HIS A 29 8.10 9.02 -2.41
C HIS A 29 7.54 9.58 -3.72
N ASP A 30 8.34 10.32 -4.51
CA ASP A 30 7.98 10.94 -5.79
C ASP A 30 7.07 10.13 -6.75
N VAL A 31 7.38 8.83 -6.99
CA VAL A 31 6.63 7.96 -7.92
C VAL A 31 5.42 7.27 -7.29
N LEU A 32 4.96 7.75 -6.13
CA LEU A 32 3.77 7.22 -5.48
C LEU A 32 2.53 7.93 -5.98
N PRO A 33 1.41 7.21 -6.17
CA PRO A 33 0.18 7.88 -6.60
C PRO A 33 -0.28 8.84 -5.50
N ASP A 34 -1.12 9.81 -5.86
CA ASP A 34 -1.60 10.87 -4.94
C ASP A 34 -2.25 10.33 -3.69
N TRP A 35 -3.04 9.26 -3.81
CA TRP A 35 -3.69 8.65 -2.65
C TRP A 35 -2.72 7.97 -1.69
N LEU A 36 -1.56 7.56 -2.20
CA LEU A 36 -0.57 6.90 -1.35
C LEU A 36 0.45 7.88 -0.74
N LYS A 37 0.47 9.13 -1.24
CA LYS A 37 1.38 10.19 -0.79
C LYS A 37 0.82 10.86 0.43
N ASP A 38 1.18 10.34 1.59
CA ASP A 38 0.70 10.87 2.87
C ASP A 38 1.74 11.73 3.60
N ASN A 39 2.97 11.22 3.76
CA ASN A 39 4.03 11.91 4.48
C ASN A 39 5.20 12.15 3.57
N ASP A 40 5.43 13.42 3.19
CA ASP A 40 6.52 13.75 2.27
C ASP A 40 7.91 13.53 2.88
N PHE A 41 7.95 13.38 4.22
CA PHE A 41 9.19 13.19 4.95
C PHE A 41 9.72 11.76 4.88
N LEU A 42 8.85 10.79 4.58
CA LEU A 42 9.28 9.40 4.41
C LEU A 42 9.64 9.30 2.93
N LEU A 43 10.93 9.52 2.62
CA LEU A 43 11.44 9.62 1.25
C LEU A 43 11.52 8.31 0.49
N HIS A 44 11.89 7.21 1.15
CA HIS A 44 12.04 5.91 0.48
C HIS A 44 11.48 4.74 1.28
N GLY A 45 11.42 3.57 0.68
CA GLY A 45 10.94 2.38 1.34
C GLY A 45 9.44 2.15 1.23
N HIS A 46 8.75 2.90 0.36
CA HIS A 46 7.31 2.74 0.19
C HIS A 46 6.91 1.49 -0.56
N ARG A 47 5.70 1.00 -0.32
CA ARG A 47 5.19 -0.15 -1.03
C ARG A 47 4.48 0.36 -2.27
N PRO A 48 4.79 -0.20 -3.45
CA PRO A 48 4.10 0.25 -4.67
C PRO A 48 2.63 -0.16 -4.66
N PRO A 49 1.67 0.60 -5.23
CA PRO A 49 0.27 0.13 -5.23
C PRO A 49 0.14 -1.25 -5.89
N MET A 50 -0.32 -2.26 -5.14
CA MET A 50 -0.45 -3.64 -5.63
C MET A 50 -1.88 -4.06 -5.38
N PRO A 51 -2.72 -4.26 -6.44
CA PRO A 51 -4.13 -4.61 -6.20
C PRO A 51 -4.34 -6.09 -5.92
N SER A 52 -3.58 -6.62 -4.98
CA SER A 52 -3.65 -8.01 -4.58
C SER A 52 -3.50 -8.09 -3.09
N PHE A 53 -4.50 -8.68 -2.40
CA PHE A 53 -4.45 -8.86 -0.95
C PHE A 53 -3.37 -9.88 -0.56
N ARG A 54 -3.01 -10.77 -1.52
CA ARG A 54 -1.92 -11.75 -1.37
C ARG A 54 -0.61 -10.99 -1.12
N ALA A 55 -0.24 -10.05 -2.04
CA ALA A 55 0.96 -9.21 -1.95
C ALA A 55 0.97 -8.39 -0.65
N CYS A 56 -0.20 -7.83 -0.28
CA CYS A 56 -0.45 -7.02 0.89
C CYS A 56 -0.16 -7.80 2.17
N PHE A 57 -0.69 -9.00 2.30
CA PHE A 57 -0.50 -9.75 3.54
C PHE A 57 0.88 -10.39 3.65
N LYS A 58 1.59 -10.58 2.53
CA LYS A 58 2.95 -11.12 2.58
C LYS A 58 3.90 -10.01 2.99
N SER A 59 3.60 -8.76 2.57
CA SER A 59 4.39 -7.56 2.84
C SER A 59 4.57 -7.31 4.34
N ILE A 60 3.74 -7.96 5.18
CA ILE A 60 3.80 -7.96 6.64
C ILE A 60 5.17 -8.57 7.04
N PHE A 61 5.71 -9.48 6.19
CA PHE A 61 7.00 -10.12 6.44
C PHE A 61 8.15 -9.47 5.65
N ARG A 62 7.90 -8.28 5.10
CA ARG A 62 8.87 -7.52 4.33
C ARG A 62 9.15 -6.21 5.03
N ILE A 63 10.33 -5.59 4.72
CA ILE A 63 10.75 -4.31 5.31
C ILE A 63 10.35 -3.13 4.42
N HIS A 64 9.48 -2.25 4.92
CA HIS A 64 8.98 -1.09 4.19
C HIS A 64 8.49 -0.02 5.16
N THR A 65 7.92 1.08 4.66
CA THR A 65 7.42 2.15 5.53
C THR A 65 6.38 1.70 6.59
N GLU A 66 5.52 0.70 6.28
CA GLU A 66 4.45 0.23 7.18
C GLU A 66 4.76 -0.99 8.05
N THR A 67 5.95 -1.60 7.91
CA THR A 67 6.36 -2.78 8.71
C THR A 67 6.15 -2.54 10.20
N GLY A 68 6.78 -1.47 10.73
CA GLY A 68 6.67 -1.11 12.14
C GLY A 68 5.22 -0.90 12.55
N ASN A 69 4.45 -0.17 11.72
CA ASN A 69 3.03 0.13 11.92
C ASN A 69 2.15 -1.09 12.04
N ILE A 70 2.35 -2.07 11.12
CA ILE A 70 1.57 -3.32 11.10
C ILE A 70 1.76 -4.09 12.39
N TRP A 71 3.01 -4.42 12.70
CA TRP A 71 3.40 -5.23 13.84
C TRP A 71 3.11 -4.66 15.18
N THR A 72 3.22 -3.32 15.36
CA THR A 72 2.95 -2.67 16.64
C THR A 72 1.51 -2.93 17.09
N HIS A 73 0.56 -2.82 16.14
CA HIS A 73 -0.87 -3.03 16.40
C HIS A 73 -1.33 -4.43 16.10
N LEU A 74 -0.49 -5.24 15.44
CA LEU A 74 -0.75 -6.65 15.18
C LEU A 74 -0.41 -7.42 16.47
N LEU A 75 0.72 -7.06 17.11
CA LEU A 75 1.14 -7.68 18.37
C LEU A 75 0.28 -7.18 19.53
N GLY A 76 -0.04 -5.89 19.51
CA GLY A 76 -0.90 -5.27 20.52
C GLY A 76 -2.31 -5.82 20.51
N CYS A 77 -2.82 -6.17 19.31
CA CYS A 77 -4.15 -6.72 19.11
C CYS A 77 -4.32 -8.09 19.77
N VAL A 78 -3.33 -9.01 19.59
CA VAL A 78 -3.35 -10.36 20.17
C VAL A 78 -3.24 -10.25 21.68
N PHE A 79 -2.40 -9.30 22.18
CA PHE A 79 -2.20 -9.05 23.60
C PHE A 79 -3.49 -8.63 24.26
N PHE A 80 -4.18 -7.63 23.69
CA PHE A 80 -5.47 -7.19 24.23
C PHE A 80 -6.53 -8.25 24.13
N LEU A 81 -6.44 -9.12 23.13
CA LEU A 81 -7.38 -10.21 22.97
C LEU A 81 -7.18 -11.25 24.07
N CYS A 82 -5.92 -11.66 24.33
CA CYS A 82 -5.57 -12.61 25.40
C CYS A 82 -5.90 -12.01 26.74
N LEU A 83 -5.66 -10.68 26.89
CA LEU A 83 -5.97 -9.92 28.09
C LEU A 83 -7.49 -9.90 28.31
N GLY A 84 -8.23 -9.73 27.22
CA GLY A 84 -9.68 -9.72 27.23
C GLY A 84 -10.24 -11.07 27.60
N ILE A 85 -9.64 -12.14 27.04
CA ILE A 85 -10.01 -13.54 27.29
C ILE A 85 -9.79 -13.87 28.77
N PHE A 86 -8.59 -13.59 29.31
CA PHE A 86 -8.21 -13.86 30.70
C PHE A 86 -9.00 -13.08 31.72
N TYR A 87 -9.38 -11.85 31.37
CA TYR A 87 -10.17 -10.99 32.22
C TYR A 87 -11.54 -11.59 32.45
N MET A 88 -12.17 -12.08 31.37
CA MET A 88 -13.49 -12.69 31.39
C MET A 88 -13.52 -13.97 32.21
N PHE A 89 -12.41 -14.73 32.20
CA PHE A 89 -12.28 -15.98 32.91
C PHE A 89 -11.82 -15.81 34.36
N ARG A 90 -11.68 -14.54 34.80
CA ARG A 90 -11.32 -14.21 36.18
C ARG A 90 -12.38 -14.76 37.13
N PRO A 91 -11.96 -15.34 38.28
CA PRO A 91 -12.94 -15.87 39.23
C PRO A 91 -13.97 -14.81 39.60
N ASN A 92 -15.26 -15.19 39.68
CA ASN A 92 -16.33 -14.27 40.02
C ASN A 92 -16.23 -13.74 41.48
N ILE A 93 -15.36 -14.40 42.29
CA ILE A 93 -15.07 -14.07 43.68
C ILE A 93 -14.33 -12.72 43.78
N SER A 94 -13.42 -12.44 42.83
CA SER A 94 -12.62 -11.21 42.83
C SER A 94 -13.41 -9.92 42.52
N PHE A 95 -14.67 -10.04 42.05
CA PHE A 95 -15.50 -8.90 41.67
C PHE A 95 -16.69 -8.74 42.58
N VAL A 96 -17.09 -7.49 42.85
CA VAL A 96 -18.27 -7.23 43.67
C VAL A 96 -19.53 -7.58 42.84
N ALA A 97 -19.58 -7.09 41.57
CA ALA A 97 -20.66 -7.31 40.60
C ALA A 97 -20.05 -7.97 39.35
N PRO A 98 -19.61 -9.24 39.41
CA PRO A 98 -18.90 -9.84 38.26
C PRO A 98 -19.55 -9.68 36.89
N LEU A 99 -20.88 -9.67 36.80
CA LEU A 99 -21.53 -9.48 35.50
C LEU A 99 -21.31 -8.06 35.00
N GLN A 100 -21.62 -7.04 35.85
CA GLN A 100 -21.50 -5.62 35.52
C GLN A 100 -20.08 -5.20 35.15
N GLU A 101 -19.09 -5.45 36.04
CA GLU A 101 -17.66 -5.14 35.83
C GLU A 101 -17.13 -5.82 34.59
N LYS A 102 -17.53 -7.09 34.37
CA LYS A 102 -17.12 -7.81 33.18
C LYS A 102 -17.71 -7.25 31.90
N VAL A 103 -18.93 -6.72 31.95
CA VAL A 103 -19.52 -6.12 30.75
C VAL A 103 -18.87 -4.74 30.53
N VAL A 104 -18.51 -4.00 31.62
CA VAL A 104 -17.90 -2.67 31.49
C VAL A 104 -16.47 -2.79 30.95
N PHE A 105 -15.71 -3.80 31.41
CA PHE A 105 -14.36 -4.03 30.97
C PHE A 105 -14.37 -4.61 29.57
N GLY A 106 -15.40 -5.40 29.30
CA GLY A 106 -15.64 -6.02 28.01
C GLY A 106 -15.77 -4.99 26.92
N LEU A 107 -16.56 -3.92 27.17
CA LEU A 107 -16.75 -2.84 26.19
C LEU A 107 -15.45 -2.07 25.91
N PHE A 108 -14.54 -2.04 26.90
CA PHE A 108 -13.22 -1.43 26.74
C PHE A 108 -12.35 -2.31 25.82
N PHE A 109 -12.30 -3.63 26.09
CA PHE A 109 -11.55 -4.56 25.27
C PHE A 109 -12.09 -4.63 23.87
N LEU A 110 -13.43 -4.63 23.71
CA LEU A 110 -14.13 -4.58 22.44
C LEU A 110 -13.60 -3.38 21.63
N GLY A 111 -13.46 -2.21 22.28
CA GLY A 111 -12.94 -1.00 21.67
C GLY A 111 -11.45 -1.06 21.36
N ALA A 112 -10.65 -1.64 22.28
CA ALA A 112 -9.19 -1.79 22.15
C ALA A 112 -8.82 -2.74 21.05
N ILE A 113 -9.47 -3.92 21.01
CA ILE A 113 -9.28 -4.98 20.01
C ILE A 113 -9.71 -4.50 18.62
N LEU A 114 -10.91 -3.89 18.52
CA LEU A 114 -11.42 -3.34 17.26
C LEU A 114 -10.53 -2.21 16.72
N CYS A 115 -10.10 -1.27 17.60
CA CYS A 115 -9.23 -0.16 17.23
C CYS A 115 -7.92 -0.66 16.63
N LEU A 116 -7.29 -1.62 17.31
CA LEU A 116 -6.01 -2.16 16.90
C LEU A 116 -6.12 -3.02 15.67
N SER A 117 -7.17 -3.87 15.59
CA SER A 117 -7.40 -4.77 14.44
C SER A 117 -7.64 -3.98 13.19
N PHE A 118 -8.46 -2.91 13.29
CA PHE A 118 -8.73 -2.02 12.16
C PHE A 118 -7.49 -1.36 11.65
N SER A 119 -6.63 -0.83 12.55
CA SER A 119 -5.39 -0.17 12.14
C SER A 119 -4.39 -1.10 11.43
N TRP A 120 -4.00 -2.23 12.04
CA TRP A 120 -3.06 -3.15 11.40
C TRP A 120 -3.61 -3.68 10.10
N LEU A 121 -4.95 -3.83 9.99
CA LEU A 121 -5.55 -4.25 8.74
C LEU A 121 -5.43 -3.15 7.70
N PHE A 122 -5.75 -1.90 8.08
CA PHE A 122 -5.64 -0.74 7.20
C PHE A 122 -4.24 -0.60 6.62
N HIS A 123 -3.18 -0.58 7.48
CA HIS A 123 -1.77 -0.49 7.05
C HIS A 123 -1.35 -1.63 6.13
N THR A 124 -1.88 -2.85 6.36
CA THR A 124 -1.60 -4.02 5.52
C THR A 124 -2.16 -3.79 4.10
N VAL A 125 -3.46 -3.45 4.02
CA VAL A 125 -4.18 -3.28 2.76
C VAL A 125 -4.20 -1.81 2.24
N TYR A 126 -3.28 -0.97 2.76
CA TYR A 126 -3.14 0.44 2.40
C TYR A 126 -2.85 0.66 0.91
N CYS A 127 -2.02 -0.18 0.30
CA CYS A 127 -1.63 0.00 -1.09
C CYS A 127 -2.47 -0.78 -2.10
N HIS A 128 -3.56 -1.49 -1.68
CA HIS A 128 -4.37 -2.27 -2.62
C HIS A 128 -4.96 -1.41 -3.73
N SER A 129 -5.87 -0.51 -3.36
CA SER A 129 -6.48 0.40 -4.32
C SER A 129 -6.89 1.70 -3.62
N GLU A 130 -7.36 2.68 -4.42
CA GLU A 130 -7.85 3.96 -3.92
C GLU A 130 -9.10 3.71 -3.07
N GLY A 131 -9.94 2.77 -3.54
CA GLY A 131 -11.17 2.34 -2.88
C GLY A 131 -10.92 1.63 -1.58
N VAL A 132 -9.98 0.64 -1.56
CA VAL A 132 -9.59 -0.15 -0.39
C VAL A 132 -9.00 0.75 0.66
N SER A 133 -8.17 1.73 0.24
CA SER A 133 -7.58 2.74 1.15
C SER A 133 -8.66 3.58 1.75
N ARG A 134 -9.59 4.09 0.92
CA ARG A 134 -10.71 4.92 1.33
C ARG A 134 -11.56 4.20 2.36
N LEU A 135 -11.99 2.95 2.03
CA LEU A 135 -12.80 2.13 2.94
C LEU A 135 -12.07 1.76 4.23
N PHE A 136 -10.78 1.37 4.16
CA PHE A 136 -10.03 0.98 5.35
C PHE A 136 -9.53 2.14 6.20
N SER A 137 -9.28 3.32 5.60
CA SER A 137 -8.84 4.51 6.34
C SER A 137 -9.98 4.95 7.24
N LYS A 138 -11.21 4.88 6.71
CA LYS A 138 -12.43 5.23 7.43
C LYS A 138 -12.63 4.33 8.64
N LEU A 139 -12.28 3.03 8.51
CA LEU A 139 -12.38 2.06 9.61
C LEU A 139 -11.29 2.31 10.66
N ASP A 140 -10.11 2.77 10.19
CA ASP A 140 -8.97 3.10 11.04
C ASP A 140 -9.29 4.25 12.01
N TYR A 141 -9.80 5.41 11.49
CA TYR A 141 -10.20 6.60 12.25
C TYR A 141 -11.33 6.28 13.20
N SER A 142 -12.38 5.60 12.70
CA SER A 142 -13.53 5.18 13.47
C SER A 142 -13.07 4.26 14.58
N GLY A 143 -12.02 3.49 14.30
CA GLY A 143 -11.41 2.56 15.25
C GLY A 143 -10.98 3.24 16.54
N ILE A 144 -10.29 4.38 16.42
CA ILE A 144 -9.77 5.18 17.54
C ILE A 144 -10.93 5.77 18.36
N ALA A 145 -12.01 6.24 17.67
CA ALA A 145 -13.19 6.82 18.32
C ALA A 145 -13.89 5.77 19.21
N LEU A 146 -13.88 4.50 18.77
CA LEU A 146 -14.40 3.37 19.53
C LEU A 146 -13.50 3.08 20.72
N LEU A 147 -12.17 3.32 20.58
CA LEU A 147 -11.23 3.11 21.68
C LEU A 147 -11.45 4.14 22.79
N ILE A 148 -11.69 5.41 22.42
CA ILE A 148 -11.96 6.46 23.41
C ILE A 148 -13.31 6.21 24.11
N MET A 149 -14.34 5.88 23.33
CA MET A 149 -15.68 5.59 23.85
C MET A 149 -15.67 4.40 24.81
N GLY A 150 -14.93 3.36 24.46
CA GLY A 150 -14.81 2.13 25.23
C GLY A 150 -14.02 2.29 26.50
N SER A 151 -12.97 3.15 26.48
CA SER A 151 -12.11 3.38 27.64
C SER A 151 -12.85 4.09 28.77
N PHE A 152 -13.74 5.01 28.40
CA PHE A 152 -14.59 5.78 29.30
C PHE A 152 -15.56 4.93 30.11
N VAL A 153 -16.27 3.97 29.48
CA VAL A 153 -17.29 3.12 30.11
C VAL A 153 -16.82 2.54 31.48
N PRO A 154 -15.72 1.75 31.62
CA PRO A 154 -15.36 1.26 32.96
C PRO A 154 -14.94 2.33 33.96
N TRP A 155 -14.16 3.32 33.51
CA TRP A 155 -13.67 4.41 34.31
C TRP A 155 -14.77 5.27 34.88
N LEU A 156 -15.71 5.69 34.01
CA LEU A 156 -16.87 6.49 34.37
C LEU A 156 -17.76 5.74 35.38
N TYR A 157 -17.87 4.40 35.23
CA TYR A 157 -18.62 3.47 36.07
C TYR A 157 -18.08 3.41 37.50
N TYR A 158 -16.74 3.31 37.67
CA TYR A 158 -16.12 3.24 38.99
C TYR A 158 -16.08 4.59 39.68
N SER A 159 -15.87 5.66 38.90
CA SER A 159 -15.83 7.02 39.40
C SER A 159 -17.21 7.47 39.86
N PHE A 160 -18.28 7.07 39.14
CA PHE A 160 -19.65 7.46 39.47
C PHE A 160 -20.47 6.27 39.97
N TYR A 161 -19.78 5.38 40.70
CA TYR A 161 -20.29 4.16 41.28
C TYR A 161 -21.52 4.41 42.12
N CYS A 162 -21.40 5.28 43.11
CA CYS A 162 -22.51 5.63 43.98
C CYS A 162 -23.17 6.95 43.60
N ASN A 163 -22.93 7.40 42.35
CA ASN A 163 -23.52 8.60 41.76
C ASN A 163 -24.09 8.25 40.33
N PRO A 164 -25.23 7.51 40.28
CA PRO A 164 -25.78 7.04 38.98
C PRO A 164 -26.22 8.07 37.91
N GLN A 165 -26.82 9.23 38.27
CA GLN A 165 -27.26 10.23 37.27
C GLN A 165 -26.08 10.75 36.40
N PRO A 166 -24.95 11.25 36.97
CA PRO A 166 -23.86 11.73 36.11
C PRO A 166 -23.19 10.63 35.30
N CYS A 167 -23.09 9.40 35.85
CA CYS A 167 -22.54 8.22 35.16
C CYS A 167 -23.28 8.04 33.84
N PHE A 168 -24.62 8.09 33.89
CA PHE A 168 -25.52 7.96 32.75
C PHE A 168 -25.38 9.14 31.78
N ILE A 169 -25.37 10.39 32.30
CA ILE A 169 -25.28 11.59 31.46
C ILE A 169 -23.96 11.59 30.70
N TYR A 170 -22.84 11.42 31.42
CA TYR A 170 -21.51 11.44 30.84
C TYR A 170 -21.31 10.36 29.82
N LEU A 171 -21.98 9.20 29.99
CA LEU A 171 -21.90 8.12 29.01
C LEU A 171 -22.54 8.51 27.70
N ILE A 172 -23.67 9.25 27.76
CA ILE A 172 -24.35 9.75 26.56
C ILE A 172 -23.49 10.81 25.83
N VAL A 173 -22.85 11.75 26.58
CA VAL A 173 -22.00 12.78 25.97
C VAL A 173 -20.81 12.15 25.23
N ILE A 174 -20.24 11.06 25.82
CA ILE A 174 -19.13 10.35 25.20
C ILE A 174 -19.62 9.62 23.95
N CYS A 175 -20.85 9.07 24.00
CA CYS A 175 -21.47 8.38 22.89
C CYS A 175 -21.78 9.31 21.76
N VAL A 176 -22.42 10.46 22.04
CA VAL A 176 -22.76 11.46 21.03
C VAL A 176 -21.47 12.05 20.42
N LEU A 177 -20.48 12.43 21.26
CA LEU A 177 -19.22 12.98 20.80
C LEU A 177 -18.41 11.97 20.01
N GLY A 178 -18.39 10.73 20.49
CA GLY A 178 -17.72 9.61 19.85
C GLY A 178 -18.35 9.25 18.53
N ILE A 179 -19.71 9.26 18.48
CA ILE A 179 -20.47 9.02 17.27
C ILE A 179 -20.21 10.17 16.28
N ALA A 180 -20.17 11.43 16.78
CA ALA A 180 -19.84 12.59 15.94
C ALA A 180 -18.45 12.42 15.31
N ALA A 181 -17.46 11.97 16.12
CA ALA A 181 -16.10 11.69 15.67
C ALA A 181 -16.14 10.58 14.60
N ILE A 182 -17.02 9.57 14.75
CA ILE A 182 -17.21 8.50 13.76
C ILE A 182 -17.82 9.06 12.45
N ILE A 183 -18.79 10.02 12.54
CA ILE A 183 -19.40 10.67 11.37
C ILE A 183 -18.36 11.56 10.66
N VAL A 184 -17.53 12.28 11.43
CA VAL A 184 -16.50 13.18 10.90
C VAL A 184 -15.42 12.37 10.13
N SER A 185 -15.12 11.14 10.58
CA SER A 185 -14.14 10.27 9.94
C SER A 185 -14.58 9.73 8.58
N GLN A 186 -15.90 9.73 8.31
CA GLN A 186 -16.48 9.27 7.05
C GLN A 186 -16.23 10.23 5.93
N TRP A 187 -16.10 11.52 6.27
CA TRP A 187 -15.82 12.60 5.34
C TRP A 187 -14.50 12.38 4.59
N ASP A 188 -14.52 12.52 3.26
CA ASP A 188 -13.36 12.26 2.40
C ASP A 188 -12.24 13.29 2.54
N MET A 189 -12.61 14.56 2.79
CA MET A 189 -11.63 15.62 3.00
C MET A 189 -10.87 15.41 4.30
N PHE A 190 -11.51 14.71 5.25
CA PHE A 190 -10.96 14.37 6.55
C PHE A 190 -9.65 13.60 6.45
N ALA A 191 -9.53 12.68 5.46
CA ALA A 191 -8.35 11.84 5.21
C ALA A 191 -7.17 12.56 4.53
N THR A 192 -7.38 13.79 4.03
CA THR A 192 -6.33 14.52 3.33
C THR A 192 -5.17 14.89 4.28
N PRO A 193 -3.90 14.91 3.79
CA PRO A 193 -2.76 15.26 4.66
C PRO A 193 -2.80 16.64 5.32
N GLN A 194 -3.62 17.56 4.78
CA GLN A 194 -3.78 18.93 5.32
C GLN A 194 -4.67 18.87 6.58
N TYR A 195 -5.64 17.94 6.55
CA TYR A 195 -6.55 17.72 7.66
C TYR A 195 -5.96 16.88 8.76
N ARG A 196 -4.67 16.51 8.66
CA ARG A 196 -3.93 15.75 9.66
C ARG A 196 -4.05 16.44 11.03
N GLY A 197 -3.93 17.77 11.02
CA GLY A 197 -4.10 18.61 12.20
C GLY A 197 -5.49 18.51 12.77
N VAL A 198 -6.52 18.57 11.90
CA VAL A 198 -7.95 18.45 12.27
C VAL A 198 -8.19 17.10 12.97
N ARG A 199 -7.69 15.99 12.39
CA ARG A 199 -7.78 14.64 12.95
C ARG A 199 -7.20 14.62 14.35
N ALA A 200 -5.97 15.12 14.51
CA ALA A 200 -5.25 15.18 15.77
C ALA A 200 -6.05 15.93 16.82
N GLY A 201 -6.63 17.07 16.43
CA GLY A 201 -7.47 17.88 17.30
C GLY A 201 -8.77 17.20 17.69
N VAL A 202 -9.47 16.58 16.69
CA VAL A 202 -10.75 15.87 16.86
C VAL A 202 -10.60 14.75 17.88
N PHE A 203 -9.64 13.85 17.67
CA PHE A 203 -9.38 12.74 18.58
C PHE A 203 -8.78 13.18 19.90
N LEU A 204 -8.04 14.30 19.91
CA LEU A 204 -7.51 14.84 21.16
C LEU A 204 -8.67 15.39 22.01
N GLY A 205 -9.58 16.13 21.37
CA GLY A 205 -10.76 16.69 21.99
C GLY A 205 -11.63 15.62 22.63
N LEU A 206 -11.82 14.50 21.92
CA LEU A 206 -12.60 13.37 22.41
C LEU A 206 -12.07 12.79 23.75
N GLY A 207 -10.77 12.48 23.78
CA GLY A 207 -10.13 11.94 24.98
C GLY A 207 -10.00 12.99 26.08
N LEU A 208 -9.68 14.24 25.68
CA LEU A 208 -9.55 15.38 26.60
C LEU A 208 -10.88 15.81 27.17
N SER A 209 -11.98 15.22 26.67
CA SER A 209 -13.32 15.49 27.20
C SER A 209 -13.45 14.86 28.60
N GLY A 210 -12.42 14.11 29.00
CA GLY A 210 -12.29 13.46 30.28
C GLY A 210 -12.31 14.41 31.46
N ILE A 211 -11.97 15.70 31.23
CA ILE A 211 -11.93 16.76 32.26
C ILE A 211 -13.31 17.09 32.83
N ILE A 212 -14.38 17.11 32.00
CA ILE A 212 -15.75 17.39 32.42
C ILE A 212 -16.12 16.39 33.53
N PRO A 213 -16.09 15.06 33.28
CA PRO A 213 -16.38 14.10 34.36
C PRO A 213 -15.39 14.19 35.52
N THR A 214 -14.10 14.49 35.25
CA THR A 214 -13.07 14.63 36.30
C THR A 214 -13.38 15.77 37.24
N LEU A 215 -13.67 16.97 36.69
CA LEU A 215 -13.99 18.16 37.48
C LEU A 215 -15.22 17.95 38.34
N HIS A 216 -16.28 17.33 37.77
CA HIS A 216 -17.50 16.98 38.49
C HIS A 216 -17.13 16.05 39.67
N TYR A 217 -16.30 15.04 39.38
CA TYR A 217 -15.81 14.07 40.35
C TYR A 217 -15.01 14.77 41.48
N VAL A 218 -14.04 15.63 41.11
CA VAL A 218 -13.19 16.37 42.05
C VAL A 218 -14.01 17.29 42.94
N ILE A 219 -15.02 17.98 42.35
CA ILE A 219 -15.95 18.88 43.05
C ILE A 219 -16.73 18.12 44.13
N SER A 220 -17.16 16.87 43.82
CA SER A 220 -17.92 16.05 44.76
C SER A 220 -17.08 15.24 45.76
N GLU A 221 -16.13 14.42 45.27
CA GLU A 221 -15.29 13.54 46.11
C GLU A 221 -14.28 14.26 46.98
N GLY A 222 -13.67 15.30 46.43
CA GLY A 222 -12.65 16.09 47.13
C GLY A 222 -11.29 15.93 46.50
N PHE A 223 -10.39 16.88 46.80
CA PHE A 223 -9.02 16.92 46.29
C PHE A 223 -8.29 15.75 46.81
N LEU A 224 -8.31 15.63 48.14
CA LEU A 224 -7.59 14.58 48.80
C LEU A 224 -8.15 13.26 48.33
N LYS A 225 -9.47 13.04 48.41
CA LYS A 225 -10.14 11.82 47.94
C LYS A 225 -9.86 11.44 46.46
N ALA A 226 -9.85 12.41 45.52
CA ALA A 226 -9.55 12.15 44.11
C ALA A 226 -8.06 11.86 43.91
N ALA A 227 -7.17 12.58 44.63
CA ALA A 227 -5.71 12.41 44.61
C ALA A 227 -5.21 11.20 45.45
N THR A 228 -5.96 10.80 46.54
CA THR A 228 -5.65 9.63 47.41
C THR A 228 -5.61 8.46 46.49
N ILE A 229 -6.72 8.31 45.74
CA ILE A 229 -6.87 7.25 44.75
C ILE A 229 -6.07 7.93 43.63
N GLY A 230 -5.35 7.17 42.84
CA GLY A 230 -4.50 7.76 41.80
C GLY A 230 -5.23 8.32 40.60
N GLN A 231 -6.35 9.06 40.82
CA GLN A 231 -7.08 9.63 39.69
C GLN A 231 -6.17 10.61 39.01
N ILE A 232 -5.57 11.52 39.79
CA ILE A 232 -4.67 12.54 39.26
C ILE A 232 -3.33 11.96 38.71
N GLY A 233 -2.61 11.15 39.50
CA GLY A 233 -1.37 10.50 39.07
C GLY A 233 -1.53 9.79 37.74
N TRP A 234 -2.61 9.04 37.63
CA TRP A 234 -3.01 8.29 36.45
C TRP A 234 -3.54 9.21 35.33
N LEU A 235 -4.34 10.25 35.66
CA LEU A 235 -4.92 11.15 34.65
C LEU A 235 -3.93 12.09 34.02
N MET A 236 -2.96 12.64 34.78
CA MET A 236 -1.93 13.53 34.24
C MET A 236 -1.18 12.72 33.20
N LEU A 237 -0.81 11.47 33.56
CA LEU A 237 -0.14 10.56 32.65
C LEU A 237 -0.99 10.29 31.41
N MET A 238 -2.30 10.04 31.60
CA MET A 238 -3.22 9.82 30.48
C MET A 238 -3.19 10.98 29.50
N ALA A 239 -3.40 12.20 30.05
CA ALA A 239 -3.41 13.47 29.32
C ALA A 239 -2.06 13.75 28.69
N SER A 240 -0.95 13.36 29.37
CA SER A 240 0.41 13.52 28.85
C SER A 240 0.49 12.69 27.59
N LEU A 241 0.31 11.36 27.68
CA LEU A 241 0.30 10.47 26.50
C LEU A 241 -0.63 10.99 25.42
N TYR A 242 -1.81 11.51 25.82
CA TYR A 242 -2.80 12.10 24.90
C TYR A 242 -2.25 13.29 24.13
N ILE A 243 -1.59 14.24 24.82
CA ILE A 243 -1.05 15.45 24.20
C ILE A 243 0.33 15.16 23.57
N THR A 244 1.32 14.60 24.32
CA THR A 244 2.62 14.21 23.75
C THR A 244 2.46 13.27 22.57
N GLY A 245 1.41 12.44 22.60
CA GLY A 245 1.07 11.49 21.56
C GLY A 245 0.49 12.12 20.31
N ALA A 246 -0.38 13.14 20.45
CA ALA A 246 -0.99 13.81 19.31
C ALA A 246 -0.01 14.78 18.66
N ALA A 247 0.80 15.48 19.50
CA ALA A 247 1.82 16.44 19.06
C ALA A 247 2.77 15.76 18.09
N LEU A 248 3.22 14.51 18.41
CA LEU A 248 4.06 13.71 17.53
C LEU A 248 3.38 13.43 16.20
N TYR A 249 2.10 13.02 16.24
CA TYR A 249 1.34 12.75 15.02
C TYR A 249 1.22 13.98 14.14
N ALA A 250 0.74 15.10 14.71
CA ALA A 250 0.48 16.33 13.98
C ALA A 250 1.74 17.02 13.49
N ALA A 251 2.77 17.11 14.35
CA ALA A 251 4.05 17.77 14.04
C ALA A 251 5.06 16.90 13.30
N ARG A 252 4.71 15.63 13.03
CA ARG A 252 5.53 14.66 12.30
C ARG A 252 6.99 14.59 12.78
N ILE A 253 7.17 14.44 14.09
CA ILE A 253 8.46 14.35 14.76
C ILE A 253 8.80 12.85 14.96
N PRO A 254 10.02 12.39 14.65
CA PRO A 254 11.20 13.17 14.29
C PRO A 254 11.53 13.31 12.80
N GLU A 255 10.76 12.73 11.85
CA GLU A 255 11.06 12.80 10.40
C GLU A 255 10.92 14.21 9.78
N ARG A 256 10.37 15.19 10.53
CA ARG A 256 10.28 16.60 10.11
C ARG A 256 11.73 17.08 9.93
N PHE A 257 12.56 16.80 10.94
CA PHE A 257 14.01 17.00 10.92
C PHE A 257 14.43 15.58 10.53
N PHE A 258 15.65 15.34 10.05
CA PHE A 258 15.99 13.97 9.66
C PHE A 258 15.05 13.35 8.55
N PRO A 259 14.62 14.05 7.44
CA PRO A 259 13.82 13.36 6.42
C PRO A 259 14.76 12.34 5.76
N GLY A 260 14.33 11.08 5.77
CA GLY A 260 15.16 9.95 5.37
C GLY A 260 15.84 9.48 6.64
N LYS A 261 16.16 8.18 6.78
CA LYS A 261 16.75 7.62 8.01
C LYS A 261 15.69 7.29 9.05
N CYS A 262 14.50 7.86 8.88
CA CYS A 262 13.38 7.60 9.78
C CYS A 262 12.25 6.93 9.02
N ASP A 263 12.46 6.68 7.71
CA ASP A 263 11.50 6.06 6.80
C ASP A 263 11.02 4.69 7.26
N ILE A 264 11.95 3.82 7.67
CA ILE A 264 11.62 2.47 8.11
C ILE A 264 11.32 2.39 9.63
N TRP A 265 12.19 3.00 10.46
CA TRP A 265 12.02 2.95 11.91
C TRP A 265 11.87 4.30 12.58
N PHE A 266 11.06 4.30 13.65
CA PHE A 266 10.80 5.38 14.60
C PHE A 266 10.23 6.64 14.00
N HIS A 267 9.45 6.55 12.91
CA HIS A 267 8.79 7.77 12.43
C HIS A 267 7.55 8.04 13.33
N SER A 268 6.94 9.24 13.21
CA SER A 268 5.81 9.65 14.06
C SER A 268 4.66 8.63 14.10
N HIS A 269 4.18 8.10 12.95
CA HIS A 269 3.07 7.13 12.99
C HIS A 269 3.41 5.92 13.85
N GLN A 270 4.63 5.39 13.66
CA GLN A 270 5.18 4.25 14.38
C GLN A 270 5.26 4.55 15.89
N LEU A 271 5.79 5.73 16.25
CA LEU A 271 5.88 6.16 17.65
C LEU A 271 4.51 6.33 18.22
N PHE A 272 3.58 6.89 17.43
CA PHE A 272 2.21 7.13 17.80
C PHE A 272 1.49 5.83 18.05
N HIS A 273 1.75 4.81 17.20
CA HIS A 273 1.19 3.46 17.31
C HIS A 273 1.59 2.85 18.64
N ILE A 274 2.86 3.05 19.02
CA ILE A 274 3.40 2.59 20.29
C ILE A 274 2.65 3.27 21.44
N PHE A 275 2.38 4.59 21.32
CA PHE A 275 1.62 5.36 22.32
C PHE A 275 0.19 4.88 22.54
N VAL A 276 -0.49 4.35 21.49
CA VAL A 276 -1.87 3.86 21.54
C VAL A 276 -1.87 2.60 22.38
N VAL A 277 -1.01 1.63 22.02
CA VAL A 277 -0.84 0.37 22.75
C VAL A 277 -0.42 0.65 24.20
N ALA A 278 0.60 1.52 24.39
CA ALA A 278 1.10 1.91 25.71
C ALA A 278 0.02 2.60 26.54
N GLY A 279 -0.65 3.58 25.94
CA GLY A 279 -1.71 4.38 26.54
C GLY A 279 -2.92 3.55 26.95
N ALA A 280 -3.33 2.60 26.07
CA ALA A 280 -4.47 1.70 26.34
C ALA A 280 -4.15 0.72 27.47
N PHE A 281 -2.87 0.24 27.54
CA PHE A 281 -2.47 -0.66 28.62
C PHE A 281 -2.48 0.09 29.94
N VAL A 282 -1.87 1.29 29.99
CA VAL A 282 -1.79 2.13 31.19
C VAL A 282 -3.20 2.49 31.71
N HIS A 283 -4.13 2.82 30.78
CA HIS A 283 -5.54 3.12 31.10
C HIS A 283 -6.20 1.89 31.74
N PHE A 284 -5.97 0.69 31.14
CA PHE A 284 -6.49 -0.57 31.66
C PHE A 284 -5.98 -0.78 33.09
N HIS A 285 -4.68 -0.50 33.34
CA HIS A 285 -4.02 -0.63 34.63
C HIS A 285 -4.63 0.28 35.69
N GLY A 286 -4.91 1.52 35.31
CA GLY A 286 -5.54 2.51 36.18
C GLY A 286 -6.96 2.10 36.53
N VAL A 287 -7.73 1.70 35.51
CA VAL A 287 -9.11 1.28 35.67
C VAL A 287 -9.21 -0.13 36.34
N SER A 288 -8.16 -0.96 36.24
CA SER A 288 -8.12 -2.28 36.89
C SER A 288 -7.87 -2.06 38.37
N ASN A 289 -7.17 -0.97 38.73
CA ASN A 289 -6.92 -0.61 40.13
C ASN A 289 -8.22 -0.18 40.81
N LEU A 290 -9.07 0.60 40.09
CA LEU A 290 -10.38 1.08 40.56
C LEU A 290 -11.27 -0.09 40.87
N GLN A 291 -11.17 -1.16 40.07
CA GLN A 291 -11.93 -2.38 40.26
C GLN A 291 -11.47 -3.05 41.57
N GLU A 292 -10.13 -3.15 41.78
CA GLU A 292 -9.50 -3.76 42.95
C GLU A 292 -9.85 -3.01 44.23
N PHE A 293 -9.88 -1.66 44.15
CA PHE A 293 -10.23 -0.82 45.29
C PHE A 293 -11.68 -1.05 45.69
N ARG A 294 -12.60 -1.00 44.71
CA ARG A 294 -14.01 -1.30 44.91
C ARG A 294 -14.19 -2.67 45.56
N PHE A 295 -13.33 -3.66 45.21
CA PHE A 295 -13.40 -4.98 45.83
C PHE A 295 -13.11 -4.89 47.32
N MET A 296 -12.05 -4.14 47.71
CA MET A 296 -11.68 -3.93 49.12
C MET A 296 -12.81 -3.22 49.86
N ILE A 297 -13.35 -2.11 49.26
CA ILE A 297 -14.45 -1.30 49.81
C ILE A 297 -15.76 -2.10 49.95
N GLY A 298 -16.08 -2.87 48.91
CA GLY A 298 -17.33 -3.60 48.79
C GLY A 298 -18.37 -2.72 48.13
N GLY A 299 -19.52 -3.29 47.79
CA GLY A 299 -20.59 -2.55 47.15
C GLY A 299 -21.33 -1.58 48.05
N GLY A 300 -22.15 -0.73 47.44
CA GLY A 300 -22.98 0.26 48.13
C GLY A 300 -22.27 1.50 48.61
N CYS A 301 -23.03 2.39 49.30
CA CYS A 301 -22.54 3.66 49.83
C CYS A 301 -23.04 3.93 51.21
N SER A 302 -22.30 4.78 51.95
CA SER A 302 -22.58 5.26 53.30
C SER A 302 -24.04 5.78 53.37
N MET B 1 16.63 14.71 -13.20
CA MET B 1 16.47 15.46 -14.44
C MET B 1 15.00 15.84 -14.71
N GLY B 2 14.76 16.54 -15.83
CA GLY B 2 13.43 16.98 -16.26
C GLY B 2 12.45 15.86 -16.58
N GLU B 3 12.91 14.85 -17.32
CA GLU B 3 12.09 13.71 -17.74
C GLU B 3 12.88 12.42 -17.68
N VAL B 4 12.17 11.31 -17.44
CA VAL B 4 12.79 9.99 -17.42
C VAL B 4 12.94 9.55 -18.87
N LEU B 5 14.20 9.33 -19.29
CA LEU B 5 14.52 8.92 -20.65
C LEU B 5 15.42 7.71 -20.64
N LEU B 6 15.03 6.71 -21.45
CA LEU B 6 15.80 5.50 -21.63
C LEU B 6 16.32 5.60 -23.05
N GLN B 7 17.64 5.61 -23.22
CA GLN B 7 18.23 5.76 -24.55
C GLN B 7 19.22 4.68 -24.87
N GLN B 8 18.92 3.90 -25.90
CA GLN B 8 19.73 2.77 -26.30
C GLN B 8 20.68 3.05 -27.48
N SER B 9 21.57 2.07 -27.76
CA SER B 9 22.53 2.16 -28.83
C SER B 9 21.85 2.03 -30.20
N GLY B 10 22.60 2.35 -31.24
CA GLY B 10 22.14 2.34 -32.62
C GLY B 10 21.94 0.97 -33.23
N PRO B 11 21.35 0.93 -34.43
CA PRO B 11 21.10 -0.37 -35.09
C PRO B 11 22.34 -1.23 -35.33
N GLU B 12 22.17 -2.53 -35.20
CA GLU B 12 23.24 -3.51 -35.37
C GLU B 12 22.93 -4.45 -36.51
N LEU B 13 23.93 -4.64 -37.39
CA LEU B 13 23.90 -5.61 -38.48
C LEU B 13 25.07 -6.53 -38.16
N VAL B 14 24.77 -7.80 -37.86
CA VAL B 14 25.78 -8.75 -37.44
C VAL B 14 25.84 -10.01 -38.27
N LYS B 15 27.04 -10.61 -38.28
CA LYS B 15 27.28 -11.88 -38.95
C LYS B 15 26.72 -12.99 -38.03
N PRO B 16 26.11 -14.07 -38.57
CA PRO B 16 25.61 -15.12 -37.67
C PRO B 16 26.72 -15.67 -36.78
N GLY B 17 26.39 -15.92 -35.53
CA GLY B 17 27.33 -16.43 -34.54
C GLY B 17 28.08 -15.34 -33.80
N ALA B 18 27.85 -14.06 -34.15
CA ALA B 18 28.47 -12.91 -33.47
C ALA B 18 27.82 -12.71 -32.08
N SER B 19 28.19 -11.63 -31.37
CA SER B 19 27.64 -11.24 -30.08
C SER B 19 27.45 -9.73 -30.06
N VAL B 20 26.31 -9.28 -29.52
CA VAL B 20 26.04 -7.84 -29.45
C VAL B 20 25.85 -7.43 -28.01
N ARG B 21 26.29 -6.22 -27.69
CA ARG B 21 26.12 -5.67 -26.36
C ARG B 21 25.30 -4.40 -26.51
N ILE B 22 24.02 -4.49 -26.13
CA ILE B 22 23.06 -3.39 -26.21
C ILE B 22 23.19 -2.48 -24.99
N THR B 23 23.09 -1.16 -25.20
CA THR B 23 23.18 -0.18 -24.14
C THR B 23 21.84 0.47 -23.92
N CYS B 24 21.54 0.79 -22.65
CA CYS B 24 20.36 1.54 -22.22
C CYS B 24 20.93 2.57 -21.31
N LYS B 25 20.75 3.85 -21.64
CA LYS B 25 21.22 4.97 -20.86
C LYS B 25 20.00 5.54 -20.13
N ALA B 26 19.98 5.39 -18.80
CA ALA B 26 18.85 5.85 -18.02
C ALA B 26 19.18 7.17 -17.37
N SER B 27 18.29 8.17 -17.55
CA SER B 27 18.44 9.49 -16.97
C SER B 27 17.09 10.00 -16.47
N GLY B 28 17.12 11.01 -15.62
CA GLY B 28 15.91 11.61 -15.10
C GLY B 28 15.47 11.13 -13.74
N TYR B 29 16.15 10.09 -13.22
CA TYR B 29 15.86 9.44 -11.94
C TYR B 29 17.09 8.73 -11.35
N THR B 30 16.97 8.17 -10.12
CA THR B 30 18.05 7.41 -9.49
C THR B 30 18.04 6.04 -10.10
N PHE B 31 19.05 5.76 -10.92
CA PHE B 31 19.18 4.53 -11.69
C PHE B 31 18.92 3.24 -10.91
N THR B 32 19.47 3.19 -9.71
CA THR B 32 19.41 2.06 -8.80
C THR B 32 18.02 1.85 -8.15
N ASP B 33 17.16 2.89 -8.15
CA ASP B 33 15.81 2.86 -7.55
C ASP B 33 14.81 1.84 -8.16
N PHE B 34 14.95 1.55 -9.46
CA PHE B 34 14.01 0.67 -10.15
C PHE B 34 14.68 -0.41 -10.97
N ASN B 35 13.99 -1.56 -11.13
CA ASN B 35 14.47 -2.64 -11.96
C ASN B 35 14.31 -2.25 -13.41
N MET B 36 15.20 -2.78 -14.25
CA MET B 36 15.19 -2.56 -15.69
C MET B 36 14.92 -3.89 -16.34
N ASP B 37 13.98 -3.91 -17.29
CA ASP B 37 13.66 -5.12 -18.05
C ASP B 37 14.09 -5.03 -19.48
N TRP B 38 14.25 -6.18 -20.08
CA TRP B 38 14.64 -6.28 -21.45
C TRP B 38 13.54 -7.01 -22.17
N VAL B 39 13.04 -6.41 -23.27
CA VAL B 39 11.93 -6.96 -24.03
C VAL B 39 12.32 -7.15 -25.52
N LYS B 40 12.04 -8.33 -26.10
CA LYS B 40 12.34 -8.60 -27.50
C LYS B 40 11.06 -8.66 -28.32
N GLN B 41 11.05 -7.99 -29.47
CA GLN B 41 9.92 -8.02 -30.37
C GLN B 41 10.44 -8.38 -31.75
N SER B 42 10.14 -9.61 -32.20
CA SER B 42 10.54 -10.06 -33.55
C SER B 42 9.62 -9.38 -34.58
N PRO B 43 10.08 -9.18 -35.84
CA PRO B 43 9.26 -8.46 -36.83
C PRO B 43 7.88 -9.05 -37.07
N GLY B 44 6.87 -8.17 -36.94
CA GLY B 44 5.46 -8.52 -37.09
C GLY B 44 5.00 -9.51 -36.03
N LYS B 45 5.65 -9.49 -34.87
CA LYS B 45 5.31 -10.41 -33.80
C LYS B 45 5.20 -9.63 -32.51
N SER B 46 4.60 -10.27 -31.50
CA SER B 46 4.40 -9.67 -30.18
C SER B 46 5.71 -9.55 -29.38
N LEU B 47 5.62 -8.83 -28.26
CA LEU B 47 6.72 -8.62 -27.33
C LEU B 47 6.93 -9.88 -26.50
N GLU B 48 8.18 -10.14 -26.13
CA GLU B 48 8.60 -11.27 -25.31
C GLU B 48 9.46 -10.69 -24.24
N TRP B 49 9.28 -11.19 -23.02
CA TRP B 49 10.06 -10.73 -21.89
C TRP B 49 11.40 -11.52 -21.83
N ILE B 50 12.54 -10.81 -22.02
CA ILE B 50 13.86 -11.43 -21.99
C ILE B 50 14.24 -11.74 -20.55
N GLY B 51 14.07 -10.73 -19.70
CA GLY B 51 14.35 -10.83 -18.28
C GLY B 51 14.39 -9.50 -17.58
N ASP B 52 14.77 -9.51 -16.31
CA ASP B 52 14.86 -8.28 -15.53
C ASP B 52 16.17 -8.25 -14.80
N PHE B 53 16.63 -7.05 -14.50
CA PHE B 53 17.87 -6.88 -13.81
C PHE B 53 17.67 -5.87 -12.70
N ASN B 54 18.24 -6.15 -11.53
CA ASN B 54 18.18 -5.25 -10.39
C ASN B 54 19.51 -4.48 -10.32
N PRO B 55 19.56 -3.17 -10.64
CA PRO B 55 20.85 -2.48 -10.65
C PRO B 55 21.53 -2.34 -9.29
N ASN B 56 20.72 -2.25 -8.21
CA ASN B 56 21.19 -2.12 -6.83
C ASN B 56 21.83 -3.39 -6.36
N SER B 57 21.04 -4.48 -6.32
CA SER B 57 21.49 -5.79 -5.88
C SER B 57 22.47 -6.42 -6.88
N GLY B 58 22.25 -6.18 -8.17
CA GLY B 58 23.06 -6.76 -9.24
C GLY B 58 22.50 -8.11 -9.66
N GLY B 59 21.31 -8.45 -9.12
CA GLY B 59 20.60 -9.69 -9.37
C GLY B 59 19.77 -9.68 -10.64
N SER B 60 19.95 -10.74 -11.45
CA SER B 60 19.23 -10.90 -12.71
C SER B 60 18.32 -12.12 -12.66
N ILE B 61 17.11 -11.97 -13.22
CA ILE B 61 16.13 -13.04 -13.36
C ILE B 61 15.88 -13.11 -14.86
N TYR B 62 16.07 -14.30 -15.47
CA TYR B 62 15.91 -14.48 -16.91
C TYR B 62 14.76 -15.39 -17.24
N ASN B 63 14.13 -15.15 -18.39
CA ASN B 63 13.13 -16.04 -18.95
C ASN B 63 13.98 -17.20 -19.49
N GLN B 64 13.55 -18.45 -19.23
CA GLN B 64 14.33 -19.62 -19.62
C GLN B 64 14.55 -19.77 -21.13
N LYS B 65 13.78 -19.04 -21.95
CA LYS B 65 13.93 -19.00 -23.40
C LYS B 65 15.31 -18.43 -23.74
N PHE B 66 15.67 -17.35 -23.04
CA PHE B 66 16.87 -16.56 -23.22
C PHE B 66 17.93 -16.78 -22.14
N LYS B 67 17.77 -17.86 -21.34
CA LYS B 67 18.72 -18.24 -20.29
C LYS B 67 20.14 -18.31 -20.84
N ASP B 68 20.31 -18.92 -22.02
CA ASP B 68 21.60 -19.07 -22.66
C ASP B 68 21.98 -17.90 -23.61
N LYS B 69 20.98 -17.35 -24.33
CA LYS B 69 21.18 -16.26 -25.29
C LYS B 69 21.47 -14.89 -24.70
N ALA B 70 20.89 -14.53 -23.54
CA ALA B 70 21.11 -13.18 -23.01
C ALA B 70 21.76 -13.11 -21.65
N THR B 71 22.56 -12.04 -21.43
CA THR B 71 23.29 -11.74 -20.19
C THR B 71 23.11 -10.26 -19.84
N PHE B 72 22.82 -9.98 -18.55
CA PHE B 72 22.60 -8.63 -18.06
C PHE B 72 23.75 -8.17 -17.21
N THR B 73 24.25 -6.99 -17.53
CA THR B 73 25.32 -6.32 -16.81
C THR B 73 24.85 -4.89 -16.58
N VAL B 74 25.61 -4.14 -15.79
CA VAL B 74 25.26 -2.76 -15.47
C VAL B 74 26.50 -1.89 -15.41
N ASP B 75 26.30 -0.63 -15.05
CA ASP B 75 27.32 0.37 -14.80
C ASP B 75 26.59 1.42 -13.98
N LYS B 76 26.51 1.20 -12.65
CA LYS B 76 25.83 2.11 -11.73
C LYS B 76 26.44 3.51 -11.81
N SER B 77 27.74 3.60 -12.17
CA SER B 77 28.50 4.84 -12.31
C SER B 77 28.04 5.68 -13.50
N SER B 78 27.98 5.07 -14.72
CA SER B 78 27.55 5.77 -15.94
C SER B 78 26.01 5.77 -16.13
N SER B 79 25.30 5.09 -15.20
CA SER B 79 23.83 4.90 -15.15
C SER B 79 23.29 4.22 -16.38
N THR B 80 24.03 3.22 -16.87
CA THR B 80 23.63 2.45 -18.05
C THR B 80 23.40 0.99 -17.70
N ALA B 81 22.48 0.35 -18.43
CA ALA B 81 22.21 -1.07 -18.31
C ALA B 81 22.59 -1.74 -19.63
N TYR B 82 23.16 -2.96 -19.57
CA TYR B 82 23.56 -3.68 -20.78
C TYR B 82 22.94 -5.04 -20.91
N MET B 83 22.85 -5.53 -22.14
CA MET B 83 22.37 -6.86 -22.46
C MET B 83 23.19 -7.46 -23.58
N GLU B 84 23.83 -8.57 -23.30
CA GLU B 84 24.67 -9.25 -24.26
C GLU B 84 23.94 -10.46 -24.83
N LEU B 85 23.75 -10.46 -26.16
CA LEU B 85 23.16 -11.55 -26.91
C LEU B 85 24.31 -12.30 -27.58
N ARG B 86 24.42 -13.63 -27.37
CA ARG B 86 25.52 -14.40 -27.93
C ARG B 86 25.07 -15.50 -28.85
N SER B 87 25.99 -15.99 -29.72
CA SER B 87 25.76 -17.07 -30.69
C SER B 87 24.48 -16.77 -31.49
N LEU B 88 24.39 -15.53 -32.03
CA LEU B 88 23.23 -15.04 -32.75
C LEU B 88 22.94 -15.81 -34.00
N THR B 89 21.66 -16.07 -34.23
CA THR B 89 21.13 -16.80 -35.36
C THR B 89 20.13 -15.89 -36.04
N PHE B 90 19.55 -16.33 -37.16
CA PHE B 90 18.61 -15.52 -37.93
C PHE B 90 17.35 -15.16 -37.16
N GLU B 91 16.94 -16.03 -36.21
CA GLU B 91 15.76 -15.84 -35.35
C GLU B 91 15.88 -14.54 -34.50
N ASP B 92 17.14 -14.15 -34.17
CA ASP B 92 17.50 -13.04 -33.29
C ASP B 92 17.40 -11.70 -33.93
N THR B 93 16.91 -11.68 -35.19
CA THR B 93 16.66 -10.44 -35.90
C THR B 93 15.39 -9.93 -35.22
N ALA B 94 15.56 -8.94 -34.34
CA ALA B 94 14.47 -8.39 -33.58
C ALA B 94 14.84 -7.03 -32.98
N VAL B 95 13.83 -6.30 -32.51
CA VAL B 95 14.04 -5.03 -31.86
C VAL B 95 14.10 -5.36 -30.38
N TYR B 96 15.18 -4.97 -29.70
CA TYR B 96 15.33 -5.25 -28.29
C TYR B 96 15.15 -3.95 -27.53
N TYR B 97 14.28 -3.99 -26.50
CA TYR B 97 13.94 -2.81 -25.68
C TYR B 97 14.37 -2.97 -24.24
N CYS B 98 14.61 -1.86 -23.57
CA CYS B 98 14.82 -1.76 -22.16
C CYS B 98 13.59 -1.01 -21.70
N ALA B 99 12.93 -1.55 -20.70
CA ALA B 99 11.74 -0.98 -20.15
C ALA B 99 11.93 -0.90 -18.65
N ARG B 100 11.68 0.27 -18.06
CA ARG B 100 11.91 0.44 -16.62
C ARG B 100 10.68 0.11 -15.77
N GLU B 101 10.90 -0.76 -14.77
CA GLU B 101 9.88 -1.17 -13.82
C GLU B 101 9.68 -0.05 -12.84
N THR B 102 8.57 -0.04 -12.16
CA THR B 102 8.39 0.92 -11.09
C THR B 102 8.47 0.05 -9.83
N GLY B 103 7.41 -0.09 -9.06
CA GLY B 103 7.47 -1.00 -7.92
C GLY B 103 7.26 -2.42 -8.38
N THR B 104 6.16 -2.60 -9.14
CA THR B 104 5.71 -3.83 -9.77
C THR B 104 6.15 -3.75 -11.22
N ALA B 105 6.29 -4.90 -11.90
CA ALA B 105 6.84 -4.97 -13.26
C ALA B 105 5.93 -4.53 -14.41
N TRP B 106 5.41 -3.29 -14.34
CA TRP B 106 4.64 -2.69 -15.42
C TRP B 106 5.56 -1.61 -15.93
N PHE B 107 5.60 -1.41 -17.25
CA PHE B 107 6.58 -0.52 -17.86
C PHE B 107 6.07 0.84 -18.30
N ALA B 108 6.38 1.82 -17.46
CA ALA B 108 6.05 3.22 -17.65
C ALA B 108 6.95 3.87 -18.71
N TYR B 109 8.26 3.54 -18.69
CA TYR B 109 9.28 4.07 -19.61
C TYR B 109 9.93 3.00 -20.48
N TRP B 110 10.06 3.31 -21.78
CA TRP B 110 10.66 2.39 -22.74
C TRP B 110 11.79 3.05 -23.52
N GLY B 111 12.79 2.25 -23.87
CA GLY B 111 13.90 2.67 -24.71
C GLY B 111 13.40 2.74 -26.13
N GLN B 112 14.04 3.53 -27.01
CA GLN B 112 13.63 3.70 -28.42
C GLN B 112 13.61 2.41 -29.26
N GLY B 113 14.43 1.42 -28.86
CA GLY B 113 14.56 0.14 -29.52
C GLY B 113 15.81 0.01 -30.36
N THR B 114 16.58 -1.06 -30.13
CA THR B 114 17.79 -1.35 -30.87
C THR B 114 17.47 -2.51 -31.82
N LEU B 115 17.79 -2.36 -33.10
CA LEU B 115 17.51 -3.42 -34.05
C LEU B 115 18.73 -4.28 -34.29
N VAL B 116 18.62 -5.56 -33.99
CA VAL B 116 19.71 -6.50 -34.25
C VAL B 116 19.29 -7.25 -35.49
N THR B 117 20.06 -7.11 -36.59
CA THR B 117 19.81 -7.80 -37.84
C THR B 117 20.93 -8.80 -38.00
N VAL B 118 20.58 -10.08 -38.14
CA VAL B 118 21.56 -11.14 -38.33
C VAL B 118 21.60 -11.48 -39.82
N SER B 119 22.74 -11.19 -40.46
CA SER B 119 22.91 -11.39 -41.89
C SER B 119 24.25 -12.01 -42.29
N ALA B 120 24.20 -12.96 -43.24
CA ALA B 120 25.36 -13.65 -43.78
C ALA B 120 25.56 -13.24 -45.23
N ALA B 121 24.89 -12.13 -45.65
CA ALA B 121 25.00 -11.58 -47.01
C ALA B 121 26.42 -11.14 -47.36
N GLY B 122 27.21 -10.80 -46.34
CA GLY B 122 28.60 -10.39 -46.50
C GLY B 122 29.58 -11.54 -46.41
N GLY B 123 29.07 -12.75 -46.19
CA GLY B 123 29.87 -13.96 -46.08
C GLY B 123 30.52 -14.11 -44.72
N GLY B 135 18.96 -21.58 -35.64
CA GLY B 135 19.33 -22.49 -34.57
C GLY B 135 18.35 -22.47 -33.41
N SER B 136 17.74 -23.63 -33.16
CA SER B 136 16.71 -23.89 -32.14
C SER B 136 15.33 -23.32 -32.51
N GLY B 137 14.52 -23.08 -31.50
CA GLY B 137 13.19 -22.50 -31.64
C GLY B 137 12.77 -21.82 -30.36
N GLY B 138 11.60 -21.21 -30.37
CA GLY B 138 11.02 -20.52 -29.23
C GLY B 138 9.82 -21.25 -28.69
N GLY B 139 9.83 -21.49 -27.39
CA GLY B 139 8.74 -22.18 -26.72
C GLY B 139 7.67 -21.24 -26.16
N GLY B 140 7.02 -21.68 -25.08
CA GLY B 140 5.94 -20.97 -24.39
C GLY B 140 5.74 -21.58 -23.03
N SER B 141 5.78 -20.76 -21.95
CA SER B 141 5.62 -21.30 -20.59
C SER B 141 4.82 -20.40 -19.59
N ASP B 142 4.28 -21.11 -18.58
CA ASP B 142 3.47 -20.73 -17.42
C ASP B 142 2.19 -19.96 -17.76
N ILE B 143 2.15 -18.61 -17.57
CA ILE B 143 0.90 -17.88 -17.77
C ILE B 143 0.73 -17.41 -19.21
N GLN B 144 -0.24 -18.03 -19.90
CA GLN B 144 -0.61 -17.72 -21.27
C GLN B 144 -1.62 -16.59 -21.30
N MET B 145 -1.25 -15.48 -21.99
CA MET B 145 -2.08 -14.29 -22.17
C MET B 145 -2.72 -14.34 -23.56
N THR B 146 -4.07 -14.44 -23.61
CA THR B 146 -4.86 -14.55 -24.83
C THR B 146 -5.65 -13.28 -25.10
N GLN B 147 -5.35 -12.63 -26.23
CA GLN B 147 -5.98 -11.39 -26.62
C GLN B 147 -7.00 -11.56 -27.72
N SER B 148 -8.17 -10.95 -27.52
CA SER B 148 -9.29 -10.97 -28.46
C SER B 148 -9.86 -9.56 -28.66
N PRO B 149 -10.02 -9.08 -29.93
CA PRO B 149 -9.71 -9.76 -31.20
C PRO B 149 -8.24 -9.61 -31.59
N ALA B 150 -7.74 -10.40 -32.54
CA ALA B 150 -6.35 -10.28 -33.00
C ALA B 150 -6.19 -9.00 -33.79
N SER B 151 -7.27 -8.53 -34.42
CA SER B 151 -7.31 -7.27 -35.15
C SER B 151 -8.73 -6.76 -35.26
N LEU B 152 -8.88 -5.44 -35.34
CA LEU B 152 -10.18 -4.82 -35.56
C LEU B 152 -10.03 -3.48 -36.23
N SER B 153 -11.11 -2.99 -36.82
CA SER B 153 -11.14 -1.69 -37.47
C SER B 153 -12.43 -0.99 -37.12
N ALA B 154 -12.35 0.25 -36.63
CA ALA B 154 -13.53 0.98 -36.25
C ALA B 154 -13.45 2.40 -36.75
N SER B 155 -14.61 2.95 -37.13
CA SER B 155 -14.71 4.33 -37.59
C SER B 155 -14.45 5.23 -36.39
N VAL B 156 -13.91 6.44 -36.62
CA VAL B 156 -13.60 7.40 -35.58
C VAL B 156 -14.88 7.76 -34.76
N GLY B 157 -14.72 7.86 -33.44
CA GLY B 157 -15.81 8.14 -32.52
C GLY B 157 -16.48 6.89 -31.95
N GLU B 158 -16.22 5.71 -32.56
CA GLU B 158 -16.76 4.43 -32.10
C GLU B 158 -16.10 3.95 -30.80
N THR B 159 -16.72 2.97 -30.14
CA THR B 159 -16.21 2.41 -28.88
C THR B 159 -15.69 1.01 -29.14
N VAL B 160 -14.47 0.70 -28.65
CA VAL B 160 -13.94 -0.65 -28.86
C VAL B 160 -13.54 -1.28 -27.54
N THR B 161 -13.74 -2.61 -27.44
CA THR B 161 -13.42 -3.40 -26.26
C THR B 161 -12.48 -4.55 -26.64
N ILE B 162 -11.32 -4.60 -25.97
CA ILE B 162 -10.29 -5.62 -26.16
C ILE B 162 -10.18 -6.43 -24.88
N THR B 163 -10.03 -7.74 -25.00
CA THR B 163 -9.93 -8.58 -23.80
C THR B 163 -8.57 -9.29 -23.66
N CYS B 164 -8.19 -9.70 -22.46
CA CYS B 164 -7.05 -10.41 -22.17
C CYS B 164 -7.41 -11.50 -21.25
N ARG B 165 -7.14 -12.74 -21.58
CA ARG B 165 -7.49 -13.86 -20.75
C ARG B 165 -6.24 -14.60 -20.31
N ALA B 166 -6.03 -14.63 -18.99
CA ALA B 166 -4.86 -15.29 -18.42
C ALA B 166 -5.17 -16.75 -18.12
N SER B 167 -4.19 -17.64 -18.32
CA SER B 167 -4.36 -19.06 -18.03
C SER B 167 -4.57 -19.29 -16.52
N GLY B 168 -3.90 -18.49 -15.69
CA GLY B 168 -4.02 -18.54 -14.25
C GLY B 168 -4.36 -17.20 -13.65
N ASN B 169 -4.72 -17.19 -12.36
CA ASN B 169 -5.06 -15.94 -11.69
C ASN B 169 -3.81 -15.07 -11.60
N ILE B 170 -3.91 -13.83 -12.10
CA ILE B 170 -2.81 -12.86 -12.13
C ILE B 170 -3.01 -11.77 -11.07
N HIS B 171 -4.15 -11.80 -10.37
CA HIS B 171 -4.43 -10.87 -9.27
C HIS B 171 -4.38 -9.39 -9.65
N ASN B 172 -4.98 -9.00 -10.80
CA ASN B 172 -5.07 -7.61 -11.26
C ASN B 172 -3.71 -6.97 -11.64
N PHE B 173 -2.62 -7.77 -11.69
CA PHE B 173 -1.30 -7.30 -12.09
C PHE B 173 -1.25 -7.43 -13.59
N LEU B 174 -2.01 -6.55 -14.22
CA LEU B 174 -2.13 -6.46 -15.67
C LEU B 174 -1.89 -5.01 -16.14
N ALA B 175 -1.15 -4.86 -17.25
CA ALA B 175 -0.87 -3.56 -17.85
C ALA B 175 -1.20 -3.58 -19.34
N TRP B 176 -1.74 -2.47 -19.86
CA TRP B 176 -2.11 -2.32 -21.27
C TRP B 176 -1.16 -1.37 -21.98
N TYR B 177 -0.68 -1.77 -23.17
CA TYR B 177 0.24 -0.93 -23.94
C TYR B 177 -0.29 -0.66 -25.32
N GLN B 178 0.13 0.48 -25.86
CA GLN B 178 -0.21 0.90 -27.20
C GLN B 178 1.10 1.14 -27.94
N GLN B 179 1.20 0.60 -29.15
CA GLN B 179 2.38 0.73 -29.96
C GLN B 179 2.07 1.31 -31.33
N LYS B 180 2.72 2.43 -31.66
CA LYS B 180 2.59 3.05 -32.97
C LYS B 180 3.65 2.39 -33.88
N GLN B 181 3.53 2.55 -35.22
CA GLN B 181 4.47 1.92 -36.16
C GLN B 181 5.93 2.33 -35.94
N GLY B 182 6.79 1.32 -35.80
CA GLY B 182 8.22 1.49 -35.58
C GLY B 182 8.60 2.31 -34.35
N LYS B 183 7.79 2.20 -33.29
CA LYS B 183 8.00 2.92 -32.05
C LYS B 183 7.89 1.98 -30.85
N SER B 184 8.41 2.40 -29.70
CA SER B 184 8.34 1.58 -28.49
C SER B 184 6.93 1.60 -27.92
N PRO B 185 6.47 0.52 -27.25
CA PRO B 185 5.13 0.56 -26.66
C PRO B 185 5.08 1.58 -25.52
N GLN B 186 3.89 2.18 -25.30
CA GLN B 186 3.63 3.14 -24.24
C GLN B 186 2.47 2.62 -23.37
N VAL B 187 2.66 2.63 -22.03
CA VAL B 187 1.67 2.16 -21.07
C VAL B 187 0.42 3.05 -21.05
N LEU B 188 -0.77 2.42 -21.00
CA LEU B 188 -2.07 3.10 -20.96
C LEU B 188 -2.72 2.90 -19.59
N VAL B 189 -2.78 1.63 -19.16
CA VAL B 189 -3.37 1.17 -17.91
C VAL B 189 -2.39 0.21 -17.18
N TYR B 190 -2.28 0.35 -15.85
CA TYR B 190 -1.50 -0.54 -14.99
C TYR B 190 -2.39 -0.95 -13.81
N ASN B 191 -2.05 -2.06 -13.13
CA ASN B 191 -2.86 -2.60 -12.04
C ASN B 191 -4.34 -2.83 -12.45
N ALA B 192 -4.54 -3.24 -13.74
CA ALA B 192 -5.80 -3.56 -14.40
C ALA B 192 -6.76 -2.36 -14.60
N LYS B 193 -6.91 -1.48 -13.60
CA LYS B 193 -7.84 -0.33 -13.72
C LYS B 193 -7.20 1.06 -13.72
N THR B 194 -6.01 1.21 -13.08
CA THR B 194 -5.33 2.49 -12.94
C THR B 194 -4.90 3.05 -14.28
N LEU B 195 -5.24 4.31 -14.53
CA LEU B 195 -4.90 5.03 -15.75
C LEU B 195 -3.59 5.78 -15.55
N ALA B 196 -2.62 5.54 -16.45
CA ALA B 196 -1.31 6.19 -16.46
C ALA B 196 -1.39 7.70 -16.78
N ASP B 197 -0.36 8.46 -16.36
CA ASP B 197 -0.25 9.91 -16.54
C ASP B 197 -0.21 10.30 -18.03
N GLY B 198 -1.01 11.31 -18.38
CA GLY B 198 -1.10 11.81 -19.75
C GLY B 198 -1.98 11.00 -20.67
N VAL B 199 -2.37 9.78 -20.26
CA VAL B 199 -3.25 8.90 -21.06
C VAL B 199 -4.68 9.48 -21.00
N PRO B 200 -5.36 9.66 -22.17
CA PRO B 200 -6.73 10.22 -22.14
C PRO B 200 -7.71 9.39 -21.32
N SER B 201 -8.83 10.01 -20.91
CA SER B 201 -9.87 9.35 -20.13
C SER B 201 -10.64 8.31 -20.94
N ARG B 202 -10.50 8.33 -22.28
CA ARG B 202 -11.14 7.42 -23.22
C ARG B 202 -10.81 5.97 -22.90
N PHE B 203 -9.52 5.71 -22.57
CA PHE B 203 -9.02 4.39 -22.20
C PHE B 203 -9.53 4.05 -20.80
N SER B 204 -10.10 2.86 -20.65
CA SER B 204 -10.64 2.39 -19.39
C SER B 204 -10.30 0.93 -19.24
N GLY B 205 -9.61 0.60 -18.16
CA GLY B 205 -9.23 -0.77 -17.88
C GLY B 205 -10.13 -1.36 -16.83
N SER B 206 -10.73 -2.54 -17.11
CA SER B 206 -11.63 -3.21 -16.17
C SER B 206 -11.34 -4.68 -16.22
N GLY B 207 -11.63 -5.37 -15.13
CA GLY B 207 -11.40 -6.81 -15.05
C GLY B 207 -11.00 -7.33 -13.70
N SER B 208 -11.23 -8.63 -13.49
CA SER B 208 -10.96 -9.34 -12.25
C SER B 208 -10.58 -10.79 -12.58
N GLY B 209 -9.77 -11.37 -11.70
CA GLY B 209 -9.34 -12.75 -11.81
C GLY B 209 -8.43 -13.05 -12.97
N THR B 210 -8.94 -13.79 -13.96
CA THR B 210 -8.21 -14.20 -15.15
C THR B 210 -8.72 -13.50 -16.41
N GLN B 211 -9.84 -12.77 -16.31
CA GLN B 211 -10.46 -12.08 -17.45
C GLN B 211 -10.44 -10.58 -17.29
N TYR B 212 -9.72 -9.89 -18.20
CA TYR B 212 -9.59 -8.42 -18.19
C TYR B 212 -9.97 -7.84 -19.53
N SER B 213 -10.30 -6.56 -19.54
CA SER B 213 -10.71 -5.89 -20.75
C SER B 213 -10.29 -4.43 -20.75
N LEU B 214 -10.09 -3.89 -21.95
CA LEU B 214 -9.72 -2.51 -22.18
C LEU B 214 -10.74 -1.91 -23.13
N LYS B 215 -11.34 -0.79 -22.72
CA LYS B 215 -12.33 -0.10 -23.51
C LYS B 215 -11.87 1.31 -23.87
N ILE B 216 -11.87 1.60 -25.18
CA ILE B 216 -11.55 2.90 -25.75
C ILE B 216 -12.87 3.49 -26.21
N ASN B 217 -13.28 4.62 -25.62
CA ASN B 217 -14.53 5.30 -25.96
C ASN B 217 -14.22 6.47 -26.86
N SER B 218 -15.13 6.77 -27.80
CA SER B 218 -14.97 7.86 -28.77
C SER B 218 -13.56 7.87 -29.38
N LEU B 219 -13.12 6.71 -29.93
CA LEU B 219 -11.80 6.55 -30.53
C LEU B 219 -11.47 7.70 -31.50
N GLN B 220 -10.21 8.13 -31.49
CA GLN B 220 -9.69 9.26 -32.24
C GLN B 220 -8.69 8.83 -33.32
N PRO B 221 -8.35 9.69 -34.30
CA PRO B 221 -7.37 9.28 -35.33
C PRO B 221 -6.02 8.82 -34.80
N GLU B 222 -5.56 9.38 -33.65
CA GLU B 222 -4.30 8.99 -33.01
C GLU B 222 -4.35 7.59 -32.37
N ASP B 223 -5.54 7.02 -32.26
CA ASP B 223 -5.77 5.74 -31.60
C ASP B 223 -5.28 4.50 -32.33
N PHE B 224 -5.02 4.55 -33.63
CA PHE B 224 -4.53 3.35 -34.32
C PHE B 224 -3.17 2.92 -33.76
N GLY B 225 -2.92 1.62 -33.82
CA GLY B 225 -1.69 1.01 -33.36
C GLY B 225 -1.91 -0.42 -32.94
N SER B 226 -0.98 -0.96 -32.16
CA SER B 226 -1.06 -2.32 -31.65
C SER B 226 -1.21 -2.25 -30.15
N TYR B 227 -2.15 -3.03 -29.62
CA TYR B 227 -2.41 -3.06 -28.20
C TYR B 227 -1.96 -4.36 -27.64
N TYR B 228 -1.29 -4.30 -26.49
CA TYR B 228 -0.76 -5.48 -25.82
C TYR B 228 -1.17 -5.48 -24.37
N CYS B 229 -1.29 -6.66 -23.77
CA CYS B 229 -1.53 -6.76 -22.32
C CYS B 229 -0.44 -7.60 -21.71
N GLN B 230 0.05 -7.12 -20.57
CA GLN B 230 1.13 -7.78 -19.89
C GLN B 230 0.71 -8.23 -18.51
N GLN B 231 1.16 -9.42 -18.11
CA GLN B 231 0.93 -9.91 -16.77
C GLN B 231 2.24 -9.81 -16.01
N PHE B 232 2.21 -9.21 -14.82
CA PHE B 232 3.42 -9.08 -14.03
C PHE B 232 3.23 -9.67 -12.61
N TRP B 233 2.27 -10.59 -12.49
CA TRP B 233 2.03 -11.31 -11.26
C TRP B 233 3.12 -12.38 -11.08
N SER B 234 3.28 -13.25 -12.08
CA SER B 234 4.24 -14.36 -12.05
C SER B 234 5.34 -14.23 -13.11
N THR B 235 6.47 -14.93 -12.85
CA THR B 235 7.62 -14.96 -13.74
C THR B 235 7.77 -16.35 -14.44
N PRO B 236 8.10 -16.38 -15.75
CA PRO B 236 8.38 -15.24 -16.65
C PRO B 236 7.14 -14.41 -17.00
N TYR B 237 7.28 -13.07 -17.02
CA TYR B 237 6.19 -12.14 -17.38
C TYR B 237 5.85 -12.38 -18.83
N THR B 238 4.56 -12.37 -19.15
CA THR B 238 4.14 -12.62 -20.51
C THR B 238 3.29 -11.52 -21.08
N PHE B 239 3.29 -11.40 -22.40
CA PHE B 239 2.53 -10.43 -23.13
C PHE B 239 1.46 -11.15 -23.91
N GLY B 240 0.43 -10.41 -24.30
CA GLY B 240 -0.64 -10.92 -25.14
C GLY B 240 -0.20 -10.80 -26.58
N GLY B 241 -0.79 -11.61 -27.46
CA GLY B 241 -0.45 -11.59 -28.89
C GLY B 241 -0.58 -10.24 -29.56
N GLY B 242 -1.47 -9.40 -29.03
CA GLY B 242 -1.70 -8.08 -29.56
C GLY B 242 -2.99 -7.96 -30.34
N THR B 243 -3.45 -6.71 -30.53
CA THR B 243 -4.63 -6.36 -31.31
C THR B 243 -4.24 -5.21 -32.24
N LYS B 244 -4.32 -5.46 -33.54
CA LYS B 244 -4.05 -4.42 -34.51
C LYS B 244 -5.32 -3.57 -34.61
N LEU B 245 -5.22 -2.27 -34.29
CA LEU B 245 -6.35 -1.37 -34.39
C LEU B 245 -6.17 -0.43 -35.56
N GLU B 246 -7.09 -0.52 -36.53
CA GLU B 246 -7.09 0.28 -37.74
C GLU B 246 -8.27 1.22 -37.64
N ILE B 247 -8.10 2.49 -38.04
CA ILE B 247 -9.17 3.46 -37.91
C ILE B 247 -9.65 3.90 -39.30
N ASN B 248 -10.85 3.46 -39.69
CA ASN B 248 -11.45 3.82 -40.98
C ASN B 248 -11.84 5.30 -41.00
N ALA B 249 -12.48 5.78 -39.90
CA ALA B 249 -13.01 7.14 -39.65
C ALA B 249 -14.28 7.46 -40.43
#